data_4H7Q
#
_entry.id   4H7Q
#
_cell.length_a   128.516
_cell.length_b   128.516
_cell.length_c   73.797
_cell.angle_alpha   90.00
_cell.angle_beta   90.00
_cell.angle_gamma   90.00
#
_symmetry.space_group_name_H-M   'P 42 21 2'
#
loop_
_entity.id
_entity.type
_entity.pdbx_description
1 polymer '[3-methyl-2-oxobutanoate dehydrogenase [lipoamide]] kinase, mitochondrial'
2 non-polymer "ADENOSINE-5'-DIPHOSPHATE"
3 non-polymer '2-OXO-4-METHYLPENTANOIC ACID'
4 non-polymer 'MAGNESIUM ION'
5 non-polymer 'POTASSIUM ION'
6 water water
#
_entity_poly.entity_id   1
_entity_poly.type   'polypeptide(L)'
_entity_poly.pdbx_seq_one_letter_code
;MILTSVLGSGPRSGSSLWPLLGSSLSLRVRSTSATDTHHVELARERSKTVTSFYNQSAIDVVAEKPSVRLTPTMMLYSGR
SQDGSHLLKSGRYLQQELPVRIAHRIKGFRSLPFIIGCNPTILHVHELYIRAFQKLTDFPPIKDQADEAQYCQLVRQLLD
DHKDVVTLLAEGLRESRKHIEDEKLVRYFLDKTLTSRLGIRMLATHHLALHEDKPDFVGIICTRLSPKKIIEKWVDFARR
LCEHKYGNAPRVRINGHVAARFPFIPMPLDYILPELLKNAMRATMESHLDTPYNVPDVVITIANNDVDLIIRISDRGGGI
AHKDLDRVMDYHFTTAEASTQDPRISPLFGHLDMHSGGQSGPMHGFGFGLPTSRAYAEYLGGSLQLQSLQGIGTDVYLRL
RHIDGREESFRIHHHHHH
;
_entity_poly.pdbx_strand_id   A
#
loop_
_chem_comp.id
_chem_comp.type
_chem_comp.name
_chem_comp.formula
ADP non-polymer ADENOSINE-5'-DIPHOSPHATE 'C10 H15 N5 O10 P2'
COI non-polymer '2-OXO-4-METHYLPENTANOIC ACID' 'C6 H10 O3'
K non-polymer 'POTASSIUM ION' 'K 1'
MG non-polymer 'MAGNESIUM ION' 'Mg 2'
#
# COMPACT_ATOMS: atom_id res chain seq x y z
N MET A 74 -2.60 15.46 6.57
CA MET A 74 -1.66 14.73 7.43
C MET A 74 -0.21 15.13 7.14
N MET A 75 0.56 15.35 8.22
CA MET A 75 1.93 15.83 8.09
C MET A 75 2.97 14.92 8.72
N LEU A 76 4.10 14.74 8.04
CA LEU A 76 5.23 13.97 8.55
C LEU A 76 6.35 14.89 9.00
N TYR A 77 6.48 15.05 10.32
CA TYR A 77 7.44 16.00 10.89
C TYR A 77 8.88 15.69 10.53
N SER A 78 9.50 16.61 9.80
CA SER A 78 10.87 16.48 9.36
C SER A 78 11.82 17.14 10.36
N GLY A 79 11.27 17.74 11.40
CA GLY A 79 12.04 18.42 12.42
C GLY A 79 13.02 17.51 13.13
N ARG A 80 14.19 18.07 13.48
CA ARG A 80 15.20 17.36 14.23
C ARG A 80 15.71 18.24 15.37
N SER A 81 16.11 17.62 16.47
CA SER A 81 16.63 18.37 17.61
C SER A 81 17.46 17.50 18.56
N GLN A 82 18.11 18.15 19.52
CA GLN A 82 19.11 17.46 20.35
C GLN A 82 18.59 17.10 21.73
N ASP A 83 17.82 18.00 22.33
CA ASP A 83 17.19 17.71 23.62
C ASP A 83 16.16 16.59 23.46
N GLY A 84 15.78 16.30 22.22
CA GLY A 84 14.80 15.27 21.92
C GLY A 84 13.38 15.80 22.00
N SER A 85 13.26 17.12 21.86
CA SER A 85 11.97 17.80 21.99
C SER A 85 11.06 17.50 20.80
N HIS A 86 11.66 17.29 19.63
CA HIS A 86 10.91 17.00 18.41
C HIS A 86 10.18 15.66 18.52
N LEU A 87 10.75 14.73 19.28
CA LEU A 87 10.11 13.45 19.54
C LEU A 87 8.84 13.66 20.37
N LEU A 88 8.94 14.57 21.35
CA LEU A 88 7.77 14.95 22.16
C LEU A 88 6.68 15.59 21.32
N LYS A 89 7.05 16.58 20.50
CA LYS A 89 6.06 17.25 19.66
C LYS A 89 5.41 16.23 18.72
N SER A 90 6.25 15.38 18.11
CA SER A 90 5.75 14.33 17.22
C SER A 90 4.75 13.40 17.94
N GLY A 91 5.10 12.98 19.16
CA GLY A 91 4.24 12.08 19.92
C GLY A 91 2.91 12.74 20.27
N ARG A 92 2.97 13.98 20.73
CA ARG A 92 1.79 14.76 21.03
C ARG A 92 0.88 14.92 19.80
N TYR A 93 1.47 15.10 18.63
CA TYR A 93 0.68 15.24 17.40
C TYR A 93 -0.02 13.92 17.08
N LEU A 94 0.74 12.83 17.15
CA LEU A 94 0.23 11.47 16.94
C LEU A 94 -0.88 11.15 17.95
N GLN A 95 -0.63 11.46 19.22
CA GLN A 95 -1.63 11.23 20.25
C GLN A 95 -2.92 11.98 19.93
N GLN A 96 -2.80 13.14 19.29
CA GLN A 96 -3.95 13.95 18.93
C GLN A 96 -4.67 13.36 17.71
N GLU A 97 -3.88 12.82 16.78
CA GLU A 97 -4.37 12.47 15.46
C GLU A 97 -4.98 11.07 15.37
N LEU A 98 -4.35 10.09 16.01
CA LEU A 98 -4.78 8.70 15.86
C LEU A 98 -6.23 8.42 16.29
N PRO A 99 -6.64 8.88 17.48
CA PRO A 99 -8.00 8.55 17.94
C PRO A 99 -9.06 9.08 16.95
N VAL A 100 -8.83 10.29 16.45
CA VAL A 100 -9.74 10.90 15.49
C VAL A 100 -9.90 10.05 14.22
N ARG A 101 -8.77 9.59 13.69
CA ARG A 101 -8.80 8.82 12.45
C ARG A 101 -9.32 7.41 12.68
N ILE A 102 -9.03 6.85 13.84
CA ILE A 102 -9.64 5.58 14.20
C ILE A 102 -11.16 5.75 14.31
N ALA A 103 -11.60 6.79 14.99
CA ALA A 103 -13.05 7.05 15.12
C ALA A 103 -13.73 7.11 13.74
N HIS A 104 -13.04 7.66 12.75
CA HIS A 104 -13.59 7.68 11.39
C HIS A 104 -13.76 6.28 10.81
N ARG A 105 -12.80 5.40 11.07
CA ARG A 105 -12.94 4.03 10.59
C ARG A 105 -14.12 3.33 11.27
N ILE A 106 -14.30 3.58 12.57
CA ILE A 106 -15.41 2.99 13.30
C ILE A 106 -16.76 3.43 12.68
N LYS A 107 -16.88 4.72 12.38
CA LYS A 107 -18.08 5.24 11.72
C LYS A 107 -18.35 4.51 10.40
N GLY A 108 -17.28 4.25 9.65
CA GLY A 108 -17.37 3.44 8.44
C GLY A 108 -17.94 2.04 8.67
N PHE A 109 -17.47 1.36 9.71
CA PHE A 109 -18.06 0.08 10.08
C PHE A 109 -19.52 0.23 10.51
N ARG A 110 -19.84 1.28 11.26
CA ARG A 110 -21.20 1.47 11.76
C ARG A 110 -22.19 1.71 10.64
N SER A 111 -21.69 2.19 9.52
CA SER A 111 -22.54 2.52 8.38
C SER A 111 -22.60 1.43 7.30
N LEU A 112 -21.80 0.37 7.46
CA LEU A 112 -21.89 -0.77 6.55
C LEU A 112 -23.30 -1.34 6.56
N PRO A 113 -23.78 -1.82 5.40
CA PRO A 113 -25.04 -2.58 5.37
C PRO A 113 -25.05 -3.64 6.45
N PHE A 114 -26.18 -3.68 7.17
CA PHE A 114 -26.35 -4.54 8.33
C PHE A 114 -25.85 -5.96 8.08
N ILE A 115 -26.26 -6.54 6.96
CA ILE A 115 -25.99 -7.95 6.68
C ILE A 115 -24.47 -8.16 6.49
N ILE A 116 -23.79 -7.16 5.96
CA ILE A 116 -22.32 -7.20 5.88
C ILE A 116 -21.67 -6.99 7.25
N GLY A 117 -22.14 -5.98 7.97
CA GLY A 117 -21.63 -5.70 9.30
C GLY A 117 -21.80 -6.87 10.27
N CYS A 118 -22.81 -7.71 10.05
CA CYS A 118 -23.00 -8.90 10.90
C CYS A 118 -22.06 -10.09 10.59
N ASN A 119 -21.31 -10.02 9.49
CA ASN A 119 -20.31 -11.06 9.20
C ASN A 119 -19.29 -11.16 10.34
N PRO A 120 -19.05 -12.38 10.86
CA PRO A 120 -18.19 -12.48 12.05
C PRO A 120 -16.77 -11.95 11.86
N THR A 121 -16.26 -12.02 10.64
CA THR A 121 -14.91 -11.52 10.39
C THR A 121 -14.93 -9.99 10.35
N ILE A 122 -15.94 -9.43 9.68
CA ILE A 122 -16.12 -7.97 9.71
C ILE A 122 -16.31 -7.48 11.15
N LEU A 123 -17.13 -8.19 11.92
CA LEU A 123 -17.37 -7.83 13.31
C LEU A 123 -16.06 -7.86 14.09
N HIS A 124 -15.24 -8.88 13.84
CA HIS A 124 -13.92 -8.96 14.48
C HIS A 124 -13.08 -7.72 14.16
N VAL A 125 -13.05 -7.32 12.89
CA VAL A 125 -12.26 -6.14 12.56
C VAL A 125 -12.84 -4.86 13.20
N HIS A 126 -14.17 -4.74 13.15
CA HIS A 126 -14.89 -3.64 13.79
C HIS A 126 -14.47 -3.53 15.26
N GLU A 127 -14.53 -4.65 15.97
CA GLU A 127 -14.13 -4.71 17.37
C GLU A 127 -12.65 -4.37 17.60
N LEU A 128 -11.76 -4.75 16.68
CA LEU A 128 -10.35 -4.36 16.79
C LEU A 128 -10.21 -2.84 16.78
N TYR A 129 -10.93 -2.20 15.87
CA TYR A 129 -10.88 -0.74 15.80
C TYR A 129 -11.41 -0.05 17.05
N ILE A 130 -12.50 -0.58 17.60
CA ILE A 130 -13.07 -0.03 18.83
C ILE A 130 -12.04 -0.19 19.95
N ARG A 131 -11.47 -1.38 20.03
CA ARG A 131 -10.43 -1.65 21.02
C ARG A 131 -9.22 -0.72 20.83
N ALA A 132 -8.82 -0.49 19.58
CA ALA A 132 -7.74 0.47 19.32
C ALA A 132 -8.11 1.86 19.86
N PHE A 133 -9.30 2.33 19.51
CA PHE A 133 -9.74 3.64 19.95
C PHE A 133 -9.76 3.74 21.49
N GLN A 134 -10.22 2.68 22.14
CA GLN A 134 -10.25 2.66 23.60
C GLN A 134 -8.85 2.80 24.21
N LYS A 135 -7.91 2.01 23.71
CA LYS A 135 -6.57 2.04 24.27
C LYS A 135 -5.92 3.40 24.04
N LEU A 136 -6.15 3.97 22.86
CA LEU A 136 -5.51 5.23 22.51
C LEU A 136 -6.05 6.37 23.37
N THR A 137 -7.35 6.35 23.60
CA THR A 137 -7.98 7.41 24.35
C THR A 137 -7.72 7.25 25.86
N ASP A 138 -7.54 6.01 26.30
CA ASP A 138 -7.16 5.75 27.69
C ASP A 138 -5.74 6.22 28.02
N PHE A 139 -4.89 6.36 27.02
CA PHE A 139 -3.51 6.76 27.27
C PHE A 139 -3.46 8.22 27.70
N PRO A 140 -2.78 8.50 28.82
CA PRO A 140 -2.72 9.86 29.34
C PRO A 140 -1.95 10.78 28.40
N PRO A 141 -2.28 12.08 28.43
CA PRO A 141 -1.55 13.06 27.63
C PRO A 141 -0.04 12.95 27.88
N ILE A 142 0.74 12.96 26.81
CA ILE A 142 2.19 12.82 26.91
C ILE A 142 2.81 14.04 27.58
N LYS A 143 3.49 13.82 28.69
CA LYS A 143 4.13 14.91 29.46
C LYS A 143 5.65 14.99 29.27
N ASP A 144 6.31 13.84 29.11
CA ASP A 144 7.77 13.78 29.07
C ASP A 144 8.24 12.59 28.23
N GLN A 145 9.55 12.43 28.08
CA GLN A 145 10.09 11.36 27.24
C GLN A 145 9.71 9.98 27.77
N ALA A 146 9.55 9.88 29.10
CA ALA A 146 9.08 8.64 29.71
C ALA A 146 7.72 8.23 29.17
N ASP A 147 6.79 9.18 29.11
CA ASP A 147 5.45 8.91 28.59
C ASP A 147 5.53 8.60 27.10
N GLU A 148 6.29 9.41 26.38
CA GLU A 148 6.41 9.25 24.94
C GLU A 148 6.90 7.84 24.62
N ALA A 149 7.85 7.37 25.40
CA ALA A 149 8.40 6.02 25.22
C ALA A 149 7.32 4.95 25.39
N GLN A 150 6.48 5.07 26.41
CA GLN A 150 5.43 4.06 26.62
C GLN A 150 4.37 4.14 25.52
N TYR A 151 4.02 5.36 25.10
CA TYR A 151 3.12 5.54 23.97
C TYR A 151 3.61 4.79 22.72
N CYS A 152 4.92 4.84 22.47
CA CYS A 152 5.50 4.13 21.32
C CYS A 152 5.27 2.64 21.46
N GLN A 153 5.30 2.14 22.71
CA GLN A 153 5.03 0.73 22.94
C GLN A 153 3.60 0.38 22.53
N LEU A 154 2.66 1.25 22.90
CA LEU A 154 1.26 1.04 22.56
C LEU A 154 1.07 1.05 21.04
N VAL A 155 1.66 2.03 20.38
CA VAL A 155 1.56 2.14 18.92
C VAL A 155 2.15 0.92 18.20
N ARG A 156 3.29 0.43 18.66
CA ARG A 156 3.88 -0.79 18.12
CA ARG A 156 3.88 -0.78 18.11
C ARG A 156 2.93 -1.97 18.24
N GLN A 157 2.35 -2.14 19.43
CA GLN A 157 1.37 -3.19 19.70
C GLN A 157 0.21 -3.11 18.71
N LEU A 158 -0.37 -1.92 18.58
CA LEU A 158 -1.52 -1.73 17.70
C LEU A 158 -1.17 -2.00 16.23
N LEU A 159 -0.04 -1.49 15.77
CA LEU A 159 0.41 -1.75 14.39
C LEU A 159 0.46 -3.25 14.13
N ASP A 160 1.06 -3.98 15.07
CA ASP A 160 1.10 -5.44 14.99
C ASP A 160 -0.30 -6.09 15.05
N ASP A 161 -1.14 -5.63 15.99
CA ASP A 161 -2.50 -6.18 16.13
C ASP A 161 -3.31 -6.02 14.84
N HIS A 162 -3.03 -4.96 14.09
CA HIS A 162 -3.80 -4.64 12.88
C HIS A 162 -3.13 -5.04 11.56
N LYS A 163 -2.08 -5.84 11.65
CA LYS A 163 -1.28 -6.11 10.46
C LYS A 163 -2.00 -6.92 9.38
N ASP A 164 -2.95 -7.76 9.82
CA ASP A 164 -3.72 -8.62 8.92
C ASP A 164 -5.11 -8.04 8.53
N VAL A 165 -5.31 -6.77 8.83
CA VAL A 165 -6.61 -6.15 8.58
C VAL A 165 -7.06 -6.22 7.11
N VAL A 166 -6.16 -5.92 6.17
CA VAL A 166 -6.57 -5.97 4.75
C VAL A 166 -7.11 -7.36 4.41
N THR A 167 -6.43 -8.38 4.90
CA THR A 167 -6.79 -9.76 4.59
C THR A 167 -8.11 -10.17 5.24
N LEU A 168 -8.33 -9.70 6.45
CA LEU A 168 -9.56 -10.01 7.16
C LEU A 168 -10.75 -9.34 6.46
N LEU A 169 -10.59 -8.09 6.04
CA LEU A 169 -11.65 -7.41 5.31
C LEU A 169 -11.97 -8.13 4.00
N ALA A 170 -10.92 -8.52 3.26
CA ALA A 170 -11.10 -9.24 1.99
C ALA A 170 -11.97 -10.48 2.21
N GLU A 171 -11.59 -11.26 3.20
CA GLU A 171 -12.28 -12.49 3.56
C GLU A 171 -13.73 -12.23 3.99
N GLY A 172 -13.92 -11.29 4.91
CA GLY A 172 -15.24 -11.02 5.46
C GLY A 172 -16.20 -10.46 4.41
N LEU A 173 -15.63 -9.77 3.43
CA LEU A 173 -16.44 -9.13 2.41
C LEU A 173 -16.73 -10.05 1.24
N ARG A 174 -15.89 -11.06 1.06
CA ARG A 174 -15.90 -11.82 -0.18
C ARG A 174 -17.30 -12.29 -0.54
N GLU A 175 -17.91 -13.07 0.35
CA GLU A 175 -19.26 -13.57 0.15
C GLU A 175 -20.32 -12.53 0.51
N SER A 176 -20.23 -12.03 1.73
CA SER A 176 -21.21 -11.08 2.25
C SER A 176 -21.62 -9.95 1.28
N ARG A 177 -20.66 -9.38 0.56
CA ARG A 177 -20.95 -8.25 -0.33
C ARG A 177 -21.92 -8.59 -1.46
N LYS A 178 -22.12 -9.90 -1.70
CA LYS A 178 -23.03 -10.35 -2.73
C LYS A 178 -24.48 -10.17 -2.31
N HIS A 179 -24.68 -9.94 -1.02
CA HIS A 179 -26.00 -9.75 -0.45
C HIS A 179 -26.44 -8.29 -0.58
N ILE A 180 -25.83 -7.59 -1.53
CA ILE A 180 -26.03 -6.15 -1.65
C ILE A 180 -26.18 -5.70 -3.11
N GLU A 181 -27.23 -4.92 -3.34
CA GLU A 181 -27.53 -4.34 -4.64
C GLU A 181 -26.45 -3.34 -5.07
N ASP A 182 -26.22 -2.35 -4.21
CA ASP A 182 -25.26 -1.28 -4.48
C ASP A 182 -23.83 -1.78 -4.38
N GLU A 183 -23.23 -2.12 -5.51
CA GLU A 183 -21.85 -2.65 -5.53
C GLU A 183 -20.86 -1.50 -5.39
N LYS A 184 -21.37 -0.29 -5.63
CA LYS A 184 -20.60 0.93 -5.38
C LYS A 184 -20.22 1.02 -3.90
N LEU A 185 -21.11 0.53 -3.03
CA LEU A 185 -20.95 0.69 -1.59
C LEU A 185 -19.66 0.07 -1.04
N VAL A 186 -19.42 -1.18 -1.39
CA VAL A 186 -18.25 -1.90 -0.90
C VAL A 186 -16.98 -1.27 -1.44
N ARG A 187 -17.00 -0.91 -2.72
CA ARG A 187 -15.85 -0.24 -3.32
C ARG A 187 -15.49 1.01 -2.53
N TYR A 188 -16.51 1.82 -2.22
CA TYR A 188 -16.28 3.08 -1.52
C TYR A 188 -15.77 2.82 -0.11
N PHE A 189 -16.40 1.86 0.58
CA PHE A 189 -15.97 1.51 1.94
C PHE A 189 -14.51 1.06 1.95
N LEU A 190 -14.15 0.19 1.02
CA LEU A 190 -12.78 -0.32 0.98
C LEU A 190 -11.77 0.77 0.56
N ASP A 191 -12.09 1.53 -0.49
CA ASP A 191 -11.19 2.63 -0.87
C ASP A 191 -10.93 3.50 0.36
N LYS A 192 -12.01 3.89 1.04
CA LYS A 192 -11.89 4.84 2.13
C LYS A 192 -11.16 4.20 3.30
N THR A 193 -11.52 2.96 3.62
CA THR A 193 -10.96 2.31 4.79
C THR A 193 -9.47 2.00 4.60
N LEU A 194 -9.12 1.44 3.46
CA LEU A 194 -7.73 1.06 3.20
C LEU A 194 -6.77 2.26 3.05
N THR A 195 -7.22 3.32 2.39
CA THR A 195 -6.38 4.50 2.25
C THR A 195 -6.22 5.24 3.58
N SER A 196 -7.29 5.33 4.37
CA SER A 196 -7.18 5.97 5.70
C SER A 196 -6.23 5.16 6.56
N ARG A 197 -6.33 3.84 6.45
CA ARG A 197 -5.42 2.97 7.19
C ARG A 197 -3.95 3.17 6.75
N LEU A 198 -3.72 3.24 5.45
CA LEU A 198 -2.36 3.50 4.97
C LEU A 198 -1.82 4.78 5.61
N GLY A 199 -2.63 5.83 5.62
CA GLY A 199 -2.23 7.10 6.16
C GLY A 199 -1.91 6.97 7.64
N ILE A 200 -2.79 6.26 8.35
CA ILE A 200 -2.60 6.02 9.78
C ILE A 200 -1.30 5.28 10.03
N ARG A 201 -1.06 4.23 9.26
CA ARG A 201 0.17 3.47 9.46
C ARG A 201 1.42 4.26 9.06
N MET A 202 1.32 5.12 8.06
CA MET A 202 2.48 5.93 7.67
C MET A 202 2.85 6.87 8.83
N LEU A 203 1.85 7.55 9.37
CA LEU A 203 2.07 8.50 10.45
C LEU A 203 2.71 7.83 11.66
N ALA A 204 2.16 6.68 12.05
CA ALA A 204 2.62 5.98 13.25
C ALA A 204 4.04 5.46 13.05
N THR A 205 4.27 4.86 11.89
CA THR A 205 5.59 4.31 11.56
C THR A 205 6.62 5.43 11.42
N HIS A 206 6.20 6.57 10.89
CA HIS A 206 7.10 7.72 10.82
C HIS A 206 7.53 8.17 12.22
N HIS A 207 6.59 8.21 13.16
CA HIS A 207 6.96 8.62 14.50
C HIS A 207 7.96 7.66 15.14
N LEU A 208 7.66 6.37 15.07
CA LEU A 208 8.56 5.33 15.57
C LEU A 208 9.95 5.45 14.94
N ALA A 209 9.99 5.67 13.62
CA ALA A 209 11.25 5.73 12.89
C ALA A 209 12.08 6.96 13.27
N LEU A 210 11.43 7.97 13.84
CA LEU A 210 12.17 9.15 14.27
C LEU A 210 13.19 8.82 15.36
N HIS A 211 12.97 7.72 16.09
CA HIS A 211 13.93 7.27 17.09
C HIS A 211 15.11 6.54 16.45
N GLU A 212 15.00 6.22 15.17
CA GLU A 212 16.06 5.48 14.48
C GLU A 212 17.15 6.43 13.96
N ASP A 213 18.35 5.89 13.77
CA ASP A 213 19.44 6.72 13.28
C ASP A 213 19.88 6.31 11.88
N LYS A 214 19.00 5.61 11.16
CA LYS A 214 19.28 5.23 9.77
C LYS A 214 19.77 6.43 8.97
N PRO A 215 20.84 6.23 8.19
CA PRO A 215 21.32 7.30 7.31
C PRO A 215 20.46 7.42 6.05
N ASP A 216 20.24 8.66 5.61
CA ASP A 216 19.39 8.96 4.46
C ASP A 216 17.90 8.80 4.73
N PHE A 217 17.53 8.67 6.01
CA PHE A 217 16.11 8.66 6.40
C PHE A 217 15.84 9.69 7.48
N VAL A 218 14.74 10.43 7.32
CA VAL A 218 14.15 11.16 8.43
C VAL A 218 12.79 10.49 8.66
N GLY A 219 12.68 9.72 9.72
CA GLY A 219 11.52 8.87 9.93
C GLY A 219 11.38 7.86 8.79
N ILE A 220 10.25 7.88 8.08
CA ILE A 220 10.08 6.98 6.95
C ILE A 220 10.39 7.68 5.64
N ILE A 221 10.86 8.92 5.72
CA ILE A 221 11.18 9.67 4.52
C ILE A 221 12.62 9.41 4.09
N CYS A 222 12.80 8.84 2.91
CA CYS A 222 14.16 8.70 2.39
C CYS A 222 14.59 10.00 1.72
N THR A 223 15.71 10.55 2.16
CA THR A 223 16.16 11.84 1.66
C THR A 223 16.77 11.74 0.26
N ARG A 224 17.10 10.51 -0.16
CA ARG A 224 17.70 10.31 -1.48
C ARG A 224 17.35 8.95 -2.07
N LEU A 225 16.05 8.71 -2.25
CA LEU A 225 15.58 7.45 -2.78
C LEU A 225 15.93 7.28 -4.26
N SER A 226 16.45 6.11 -4.60
CA SER A 226 16.66 5.72 -5.99
C SER A 226 15.51 4.81 -6.40
N PRO A 227 14.72 5.27 -7.38
CA PRO A 227 13.62 4.44 -7.93
C PRO A 227 14.17 3.13 -8.50
N LYS A 228 15.32 3.20 -9.17
CA LYS A 228 15.91 1.97 -9.73
C LYS A 228 16.18 0.94 -8.62
N LYS A 229 16.74 1.40 -7.50
CA LYS A 229 17.13 0.51 -6.41
C LYS A 229 15.90 -0.15 -5.80
N ILE A 230 14.88 0.65 -5.51
CA ILE A 230 13.70 0.07 -4.87
C ILE A 230 12.95 -0.83 -5.85
N ILE A 231 12.95 -0.48 -7.12
CA ILE A 231 12.37 -1.36 -8.13
C ILE A 231 13.11 -2.71 -8.17
N GLU A 232 14.44 -2.66 -8.19
CA GLU A 232 15.26 -3.88 -8.16
C GLU A 232 15.01 -4.78 -6.96
N LYS A 233 14.84 -4.17 -5.79
CA LYS A 233 14.50 -4.92 -4.59
C LYS A 233 13.23 -5.74 -4.82
N TRP A 234 12.18 -5.10 -5.34
CA TRP A 234 10.92 -5.81 -5.52
C TRP A 234 10.95 -6.76 -6.72
N VAL A 235 11.77 -6.43 -7.71
CA VAL A 235 11.99 -7.32 -8.84
C VAL A 235 12.54 -8.67 -8.32
N ASP A 236 13.62 -8.61 -7.53
CA ASP A 236 14.20 -9.83 -6.95
C ASP A 236 13.19 -10.64 -6.14
N PHE A 237 12.40 -9.95 -5.31
CA PHE A 237 11.30 -10.56 -4.58
C PHE A 237 10.26 -11.26 -5.46
N ALA A 238 9.70 -10.53 -6.43
CA ALA A 238 8.69 -11.09 -7.31
C ALA A 238 9.26 -12.25 -8.15
N ARG A 239 10.49 -12.11 -8.64
CA ARG A 239 11.13 -13.15 -9.45
C ARG A 239 11.29 -14.47 -8.69
N ARG A 240 11.71 -14.38 -7.42
CA ARG A 240 11.79 -15.57 -6.57
C ARG A 240 10.42 -16.24 -6.37
N LEU A 241 9.38 -15.46 -6.08
CA LEU A 241 8.04 -16.04 -6.00
C LEU A 241 7.67 -16.74 -7.31
N CYS A 242 7.91 -16.03 -8.42
CA CYS A 242 7.57 -16.54 -9.74
C CYS A 242 8.34 -17.83 -10.08
N GLU A 243 9.66 -17.84 -9.83
CA GLU A 243 10.48 -19.03 -10.06
C GLU A 243 10.00 -20.21 -9.23
N HIS A 244 9.55 -19.94 -8.01
CA HIS A 244 9.06 -21.00 -7.15
C HIS A 244 7.83 -21.66 -7.77
N LYS A 245 6.94 -20.83 -8.34
CA LYS A 245 5.71 -21.35 -8.92
C LYS A 245 5.87 -21.94 -10.33
N TYR A 246 6.73 -21.35 -11.17
CA TYR A 246 6.75 -21.73 -12.58
C TYR A 246 8.07 -22.35 -13.05
N GLY A 247 9.09 -22.34 -12.19
CA GLY A 247 10.40 -22.87 -12.57
C GLY A 247 11.28 -21.85 -13.26
N ASN A 248 10.73 -20.67 -13.52
CA ASN A 248 11.46 -19.58 -14.15
C ASN A 248 10.72 -18.27 -13.93
N ALA A 249 11.32 -17.16 -14.35
CA ALA A 249 10.68 -15.85 -14.21
C ALA A 249 11.20 -14.95 -15.30
N PRO A 250 10.34 -14.04 -15.80
CA PRO A 250 10.88 -13.12 -16.81
C PRO A 250 12.02 -12.31 -16.21
N ARG A 251 13.04 -12.02 -17.01
CA ARG A 251 14.00 -11.01 -16.63
C ARG A 251 13.32 -9.64 -16.72
N VAL A 252 13.81 -8.70 -15.92
CA VAL A 252 13.30 -7.35 -15.94
C VAL A 252 14.41 -6.39 -16.38
N ARG A 253 14.11 -5.55 -17.37
CA ARG A 253 15.04 -4.49 -17.76
C ARG A 253 14.47 -3.18 -17.27
N ILE A 254 15.34 -2.29 -16.82
CA ILE A 254 14.93 -0.98 -16.34
C ILE A 254 15.62 0.10 -17.15
N ASN A 255 14.86 1.06 -17.68
CA ASN A 255 15.45 2.12 -18.47
C ASN A 255 14.83 3.48 -18.12
N GLY A 256 15.21 4.52 -18.85
CA GLY A 256 14.81 5.89 -18.51
C GLY A 256 15.73 6.53 -17.50
N HIS A 257 15.15 7.22 -16.50
CA HIS A 257 15.99 7.96 -15.55
C HIS A 257 16.50 7.05 -14.44
N VAL A 258 17.40 6.15 -14.82
CA VAL A 258 17.87 5.10 -13.92
C VAL A 258 18.78 5.65 -12.83
N ALA A 259 19.27 6.88 -13.00
CA ALA A 259 20.17 7.47 -12.01
C ALA A 259 19.46 8.47 -11.12
N ALA A 260 18.15 8.60 -11.27
CA ALA A 260 17.40 9.56 -10.48
C ALA A 260 17.53 9.29 -8.97
N ARG A 261 17.70 10.35 -8.20
CA ARG A 261 17.59 10.27 -6.74
C ARG A 261 16.93 11.52 -6.18
N PHE A 262 15.97 11.33 -5.28
CA PHE A 262 15.21 12.43 -4.73
C PHE A 262 14.56 12.01 -3.41
N PRO A 263 14.15 13.00 -2.59
CA PRO A 263 13.42 12.68 -1.36
C PRO A 263 12.08 12.03 -1.68
N PHE A 264 11.76 10.97 -0.95
CA PHE A 264 10.57 10.20 -1.23
C PHE A 264 10.25 9.25 -0.08
N ILE A 265 8.99 8.89 0.04
CA ILE A 265 8.54 7.95 1.06
C ILE A 265 8.34 6.60 0.39
N PRO A 266 9.20 5.62 0.72
CA PRO A 266 9.20 4.28 0.12
C PRO A 266 7.93 3.47 0.38
N MET A 267 7.36 3.61 1.58
CA MET A 267 6.29 2.72 2.03
C MET A 267 5.22 2.38 0.99
N PRO A 268 4.65 3.40 0.33
CA PRO A 268 3.64 3.06 -0.69
C PRO A 268 4.20 2.26 -1.89
N LEU A 269 5.43 2.57 -2.32
CA LEU A 269 6.07 1.78 -3.36
C LEU A 269 6.25 0.34 -2.90
N ASP A 270 6.56 0.16 -1.62
CA ASP A 270 6.74 -1.18 -1.04
C ASP A 270 5.46 -2.00 -1.12
N TYR A 271 4.30 -1.37 -1.07
CA TYR A 271 3.10 -2.16 -1.33
CA TYR A 271 3.05 -2.08 -1.31
C TYR A 271 2.84 -2.31 -2.82
N ILE A 272 2.88 -1.22 -3.55
CA ILE A 272 2.44 -1.22 -4.94
C ILE A 272 3.34 -2.02 -5.87
N LEU A 273 4.65 -1.79 -5.81
CA LEU A 273 5.56 -2.37 -6.78
C LEU A 273 5.45 -3.90 -6.84
N PRO A 274 5.50 -4.57 -5.67
CA PRO A 274 5.39 -6.04 -5.79
C PRO A 274 4.04 -6.51 -6.34
N GLU A 275 2.95 -5.80 -6.06
CA GLU A 275 1.66 -6.16 -6.64
C GLU A 275 1.70 -6.13 -8.19
N LEU A 276 2.28 -5.07 -8.74
CA LEU A 276 2.30 -4.87 -10.19
C LEU A 276 3.26 -5.84 -10.83
N LEU A 277 4.38 -6.10 -10.16
CA LEU A 277 5.36 -7.04 -10.67
C LEU A 277 4.86 -8.49 -10.68
N LYS A 278 4.18 -8.88 -9.60
CA LYS A 278 3.58 -10.21 -9.55
C LYS A 278 2.54 -10.38 -10.68
N ASN A 279 1.71 -9.37 -10.92
CA ASN A 279 0.74 -9.42 -12.02
C ASN A 279 1.42 -9.62 -13.35
N ALA A 280 2.48 -8.86 -13.58
CA ALA A 280 3.17 -8.90 -14.87
C ALA A 280 3.86 -10.25 -15.10
N MET A 281 4.52 -10.77 -14.06
CA MET A 281 5.19 -12.07 -14.17
C MET A 281 4.21 -13.22 -14.33
N ARG A 282 3.13 -13.23 -13.54
CA ARG A 282 2.08 -14.23 -13.70
C ARG A 282 1.56 -14.24 -15.13
N ALA A 283 1.17 -13.07 -15.62
CA ALA A 283 0.61 -12.95 -16.98
C ALA A 283 1.59 -13.49 -18.02
N THR A 284 2.87 -13.16 -17.86
CA THR A 284 3.90 -13.60 -18.79
C THR A 284 4.06 -15.12 -18.76
N MET A 285 4.15 -15.70 -17.57
CA MET A 285 4.34 -17.16 -17.49
C MET A 285 3.11 -17.91 -18.04
N GLU A 286 1.91 -17.46 -17.67
CA GLU A 286 0.67 -18.15 -18.05
C GLU A 286 0.39 -18.06 -19.55
N SER A 287 1.02 -17.10 -20.22
CA SER A 287 0.85 -16.96 -21.67
C SER A 287 2.01 -17.64 -22.41
N HIS A 288 2.94 -18.23 -21.65
CA HIS A 288 4.09 -18.88 -22.28
C HIS A 288 4.32 -20.30 -21.76
N LEU A 289 3.22 -21.01 -21.55
CA LEU A 289 3.27 -22.33 -20.95
C LEU A 289 4.07 -23.35 -21.75
N ASP A 290 4.28 -23.06 -23.03
CA ASP A 290 5.03 -23.96 -23.90
C ASP A 290 6.53 -23.72 -23.82
N THR A 291 6.90 -22.50 -23.43
CA THR A 291 8.31 -22.14 -23.37
C THR A 291 8.65 -21.48 -22.05
N PRO A 292 8.43 -22.19 -20.93
CA PRO A 292 8.65 -21.56 -19.62
C PRO A 292 10.12 -21.15 -19.46
N TYR A 293 11.00 -21.81 -20.21
CA TYR A 293 12.44 -21.58 -20.13
C TYR A 293 12.88 -20.37 -20.97
N ASN A 294 11.93 -19.77 -21.68
CA ASN A 294 12.27 -18.66 -22.55
C ASN A 294 11.04 -17.75 -22.74
N VAL A 295 10.91 -16.77 -21.84
CA VAL A 295 9.78 -15.85 -21.83
C VAL A 295 10.25 -14.40 -22.05
N PRO A 296 9.39 -13.54 -22.62
CA PRO A 296 9.79 -12.15 -22.89
C PRO A 296 10.07 -11.35 -21.61
N ASP A 297 11.06 -10.46 -21.65
CA ASP A 297 11.40 -9.61 -20.51
C ASP A 297 10.21 -8.71 -20.17
N VAL A 298 10.14 -8.31 -18.91
CA VAL A 298 9.29 -7.22 -18.48
C VAL A 298 10.19 -6.00 -18.54
N VAL A 299 9.64 -4.90 -19.04
CA VAL A 299 10.45 -3.70 -19.23
C VAL A 299 9.89 -2.57 -18.41
N ILE A 300 10.73 -2.00 -17.55
CA ILE A 300 10.27 -0.93 -16.69
C ILE A 300 10.95 0.38 -17.04
N THR A 301 10.15 1.42 -17.21
CA THR A 301 10.70 2.71 -17.57
C THR A 301 10.44 3.70 -16.45
N ILE A 302 11.49 4.41 -16.03
CA ILE A 302 11.38 5.43 -14.99
C ILE A 302 11.44 6.81 -15.64
N ALA A 303 10.45 7.65 -15.35
CA ALA A 303 10.50 9.04 -15.79
C ALA A 303 10.38 9.94 -14.57
N ASN A 304 11.41 10.75 -14.32
CA ASN A 304 11.42 11.65 -13.18
C ASN A 304 11.39 13.12 -13.65
N ASN A 305 10.37 13.85 -13.24
CA ASN A 305 10.27 15.27 -13.57
C ASN A 305 9.97 16.06 -12.29
N ASP A 306 9.76 17.37 -12.40
CA ASP A 306 9.55 18.19 -11.20
C ASP A 306 8.18 17.98 -10.57
N VAL A 307 7.24 17.43 -11.33
CA VAL A 307 5.90 17.24 -10.81
C VAL A 307 5.71 15.84 -10.23
N ASP A 308 6.01 14.82 -11.04
CA ASP A 308 5.79 13.45 -10.56
C ASP A 308 6.90 12.47 -10.95
N LEU A 309 6.79 11.28 -10.37
CA LEU A 309 7.59 10.13 -10.72
C LEU A 309 6.67 9.20 -11.47
N ILE A 310 7.08 8.75 -12.66
CA ILE A 310 6.28 7.81 -13.42
C ILE A 310 7.07 6.52 -13.54
N ILE A 311 6.43 5.40 -13.23
CA ILE A 311 7.07 4.10 -13.40
C ILE A 311 6.15 3.28 -14.30
N ARG A 312 6.59 3.02 -15.52
CA ARG A 312 5.82 2.23 -16.47
C ARG A 312 6.31 0.78 -16.45
N ILE A 313 5.40 -0.15 -16.25
CA ILE A 313 5.72 -1.58 -16.25
C ILE A 313 5.01 -2.23 -17.42
N SER A 314 5.79 -2.64 -18.42
CA SER A 314 5.28 -3.18 -19.68
C SER A 314 5.65 -4.63 -19.81
N ASP A 315 4.65 -5.46 -20.04
CA ASP A 315 4.90 -6.89 -20.20
C ASP A 315 4.39 -7.36 -21.56
N ARG A 316 4.80 -8.56 -21.95
CA ARG A 316 4.27 -9.19 -23.15
C ARG A 316 3.49 -10.42 -22.74
N GLY A 317 2.66 -10.26 -21.72
CA GLY A 317 1.90 -11.39 -21.18
C GLY A 317 0.51 -11.59 -21.75
N GLY A 318 0.23 -10.99 -22.90
CA GLY A 318 -0.99 -11.28 -23.64
C GLY A 318 -2.12 -10.27 -23.48
N GLY A 319 -1.97 -9.36 -22.51
CA GLY A 319 -2.97 -8.31 -22.29
C GLY A 319 -4.09 -8.70 -21.34
N ILE A 320 -4.92 -7.74 -20.98
CA ILE A 320 -6.13 -7.99 -20.19
C ILE A 320 -7.29 -8.04 -21.17
N ALA A 321 -7.99 -9.18 -21.21
CA ALA A 321 -9.06 -9.37 -22.19
C ALA A 321 -10.14 -8.30 -22.11
N HIS A 322 -10.71 -7.98 -23.26
CA HIS A 322 -11.84 -7.05 -23.30
C HIS A 322 -12.93 -7.43 -22.32
N LYS A 323 -13.23 -8.72 -22.21
CA LYS A 323 -14.30 -9.18 -21.32
C LYS A 323 -13.98 -9.01 -19.83
N ASP A 324 -12.70 -8.83 -19.48
CA ASP A 324 -12.28 -8.68 -18.09
C ASP A 324 -11.97 -7.24 -17.70
N LEU A 325 -11.81 -6.38 -18.69
CA LEU A 325 -11.17 -5.09 -18.48
C LEU A 325 -11.91 -4.19 -17.47
N ASP A 326 -13.24 -4.23 -17.50
CA ASP A 326 -14.07 -3.41 -16.62
C ASP A 326 -14.16 -4.00 -15.21
N ARG A 327 -13.59 -5.18 -15.03
CA ARG A 327 -13.71 -5.91 -13.77
C ARG A 327 -12.40 -5.92 -12.99
N VAL A 328 -11.27 -5.77 -13.70
CA VAL A 328 -10.00 -5.99 -13.02
C VAL A 328 -9.74 -5.01 -11.88
N MET A 329 -10.31 -3.81 -11.93
CA MET A 329 -10.16 -2.86 -10.82
C MET A 329 -11.17 -3.06 -9.67
N ASP A 330 -12.01 -4.09 -9.75
CA ASP A 330 -12.94 -4.39 -8.67
C ASP A 330 -12.21 -5.16 -7.58
N TYR A 331 -12.36 -4.76 -6.33
CA TYR A 331 -11.94 -5.65 -5.25
C TYR A 331 -12.55 -7.04 -5.43
N HIS A 332 -11.77 -8.07 -5.08
CA HIS A 332 -12.18 -9.47 -5.19
C HIS A 332 -12.09 -10.09 -6.61
N PHE A 333 -12.11 -9.28 -7.66
CA PHE A 333 -12.09 -9.89 -9.00
C PHE A 333 -10.71 -10.51 -9.33
N THR A 334 -10.67 -11.76 -9.74
CA THR A 334 -9.41 -12.39 -10.09
C THR A 334 -9.69 -13.41 -11.18
N THR A 335 -8.70 -13.66 -12.04
CA THR A 335 -8.81 -14.77 -13.00
C THR A 335 -8.03 -16.01 -12.55
N ALA A 336 -7.39 -15.95 -11.39
CA ALA A 336 -6.63 -17.10 -10.88
C ALA A 336 -7.54 -18.25 -10.44
N GLY A 365 -3.76 -12.76 -3.90
CA GLY A 365 -4.59 -13.84 -4.43
C GLY A 365 -6.07 -13.56 -4.28
N PHE A 366 -6.38 -12.60 -3.43
CA PHE A 366 -7.75 -12.19 -3.15
C PHE A 366 -8.30 -11.29 -4.24
N GLY A 367 -7.52 -11.01 -5.26
CA GLY A 367 -7.90 -10.02 -6.24
C GLY A 367 -7.94 -8.61 -5.66
N PHE A 368 -6.97 -8.26 -4.82
CA PHE A 368 -6.92 -6.94 -4.20
C PHE A 368 -5.79 -6.05 -4.76
N GLY A 369 -4.81 -6.68 -5.40
CA GLY A 369 -3.63 -5.97 -5.87
C GLY A 369 -3.87 -4.67 -6.64
N LEU A 370 -4.70 -4.74 -7.67
CA LEU A 370 -4.98 -3.59 -8.53
C LEU A 370 -5.81 -2.50 -7.87
N PRO A 371 -6.99 -2.84 -7.32
CA PRO A 371 -7.82 -1.79 -6.71
C PRO A 371 -7.13 -1.11 -5.50
N THR A 372 -6.41 -1.91 -4.70
CA THR A 372 -5.68 -1.35 -3.57
C THR A 372 -4.56 -0.41 -4.06
N SER A 373 -3.78 -0.87 -5.03
CA SER A 373 -2.70 -0.05 -5.58
C SER A 373 -3.23 1.26 -6.12
N ARG A 374 -4.33 1.19 -6.87
CA ARG A 374 -4.90 2.42 -7.39
C ARG A 374 -5.37 3.34 -6.25
N ALA A 375 -6.05 2.77 -5.25
CA ALA A 375 -6.53 3.61 -4.16
C ALA A 375 -5.36 4.28 -3.45
N TYR A 376 -4.30 3.52 -3.20
CA TYR A 376 -3.11 4.09 -2.56
C TYR A 376 -2.51 5.21 -3.42
N ALA A 377 -2.38 4.94 -4.73
CA ALA A 377 -1.72 5.92 -5.61
C ALA A 377 -2.54 7.21 -5.59
N GLU A 378 -3.86 7.09 -5.71
CA GLU A 378 -4.71 8.29 -5.78
C GLU A 378 -4.76 9.03 -4.43
N TYR A 379 -4.78 8.27 -3.35
CA TYR A 379 -4.73 8.85 -1.99
C TYR A 379 -3.52 9.76 -1.84
N LEU A 380 -2.42 9.38 -2.47
CA LEU A 380 -1.19 10.16 -2.35
C LEU A 380 -1.03 11.21 -3.46
N GLY A 381 -2.06 11.39 -4.27
CA GLY A 381 -2.00 12.45 -5.28
C GLY A 381 -1.53 11.99 -6.65
N GLY A 382 -1.40 10.68 -6.84
CA GLY A 382 -1.01 10.14 -8.12
C GLY A 382 -2.10 9.31 -8.76
N SER A 383 -1.70 8.30 -9.52
CA SER A 383 -2.70 7.48 -10.19
C SER A 383 -2.08 6.17 -10.66
N LEU A 384 -2.96 5.26 -11.08
CA LEU A 384 -2.53 4.00 -11.64
C LEU A 384 -3.43 3.73 -12.84
N GLN A 385 -2.80 3.66 -14.02
CA GLN A 385 -3.56 3.50 -15.26
C GLN A 385 -3.04 2.30 -16.06
N LEU A 386 -3.97 1.61 -16.71
CA LEU A 386 -3.68 0.39 -17.44
C LEU A 386 -3.93 0.61 -18.92
N GLN A 387 -3.01 0.11 -19.75
CA GLN A 387 -3.22 0.09 -21.20
C GLN A 387 -3.07 -1.35 -21.66
N SER A 388 -4.17 -1.93 -22.14
CA SER A 388 -4.17 -3.32 -22.58
C SER A 388 -4.04 -3.43 -24.10
N LEU A 389 -3.03 -4.17 -24.55
CA LEU A 389 -2.89 -4.57 -25.95
C LEU A 389 -3.25 -6.04 -26.07
N GLN A 390 -4.55 -6.31 -26.22
CA GLN A 390 -5.03 -7.69 -26.20
C GLN A 390 -4.35 -8.52 -27.29
N GLY A 391 -3.76 -9.64 -26.87
CA GLY A 391 -3.02 -10.49 -27.79
C GLY A 391 -1.52 -10.26 -27.69
N ILE A 392 -1.12 -9.14 -27.08
CA ILE A 392 0.30 -8.79 -26.98
C ILE A 392 0.77 -8.65 -25.51
N GLY A 393 0.13 -7.76 -24.75
CA GLY A 393 0.60 -7.45 -23.41
C GLY A 393 -0.09 -6.25 -22.79
N THR A 394 0.45 -5.80 -21.66
CA THR A 394 -0.16 -4.72 -20.88
C THR A 394 0.90 -3.73 -20.44
N ASP A 395 0.57 -2.44 -20.50
CA ASP A 395 1.41 -1.41 -19.90
C ASP A 395 0.71 -0.87 -18.67
N VAL A 396 1.40 -0.85 -17.53
CA VAL A 396 0.83 -0.30 -16.32
C VAL A 396 1.62 0.94 -15.92
N TYR A 397 0.91 2.04 -15.69
CA TYR A 397 1.58 3.31 -15.41
C TYR A 397 1.27 3.74 -13.99
N LEU A 398 2.31 3.75 -13.16
CA LEU A 398 2.19 4.26 -11.80
C LEU A 398 2.76 5.67 -11.74
N ARG A 399 1.95 6.60 -11.28
CA ARG A 399 2.41 7.96 -11.10
C ARG A 399 2.25 8.35 -9.62
N LEU A 400 3.28 8.98 -9.07
CA LEU A 400 3.22 9.45 -7.70
C LEU A 400 3.82 10.84 -7.68
N ARG A 401 3.13 11.77 -7.02
N ARG A 401 3.13 11.77 -7.02
CA ARG A 401 3.60 13.15 -6.89
CA ARG A 401 3.61 13.14 -6.91
C ARG A 401 4.86 13.23 -6.04
C ARG A 401 4.87 13.21 -6.06
N HIS A 402 5.75 14.15 -6.40
CA HIS A 402 6.95 14.36 -5.61
C HIS A 402 6.63 15.05 -4.28
N ILE A 403 7.61 15.02 -3.38
CA ILE A 403 7.45 15.52 -2.00
C ILE A 403 7.04 16.98 -1.88
N ASP A 404 6.02 17.22 -1.05
CA ASP A 404 5.61 18.57 -0.67
C ASP A 404 6.33 19.00 0.61
N GLY A 405 7.37 19.83 0.46
CA GLY A 405 8.19 20.23 1.59
C GLY A 405 7.73 21.49 2.29
PB ADP B . -5.01 -10.99 -8.56
O1B ADP B . -3.58 -10.89 -9.04
O2B ADP B . -5.93 -11.70 -9.54
O3B ADP B . -5.07 -11.45 -7.12
PA ADP B . -5.25 -8.16 -9.10
O1A ADP B . -3.78 -7.85 -8.91
O2A ADP B . -6.18 -7.11 -8.61
O3A ADP B . -5.68 -9.54 -8.37
O5' ADP B . -5.52 -8.47 -10.66
C5' ADP B . -6.86 -8.62 -11.17
C4' ADP B . -6.80 -9.36 -12.51
O4' ADP B . -6.27 -8.48 -13.49
C3' ADP B . -5.86 -10.56 -12.51
O3' ADP B . -6.47 -11.76 -12.01
C2' ADP B . -5.51 -10.68 -13.98
O2' ADP B . -6.57 -11.39 -14.64
C1' ADP B . -5.59 -9.25 -14.48
N9 ADP B . -4.27 -8.64 -14.67
C8 ADP B . -3.65 -7.78 -13.83
N7 ADP B . -2.45 -7.39 -14.32
C5 ADP B . -2.31 -8.01 -15.51
C6 ADP B . -1.28 -8.04 -16.55
N6 ADP B . -0.15 -7.31 -16.40
N1 ADP B . -1.50 -8.82 -17.64
C2 ADP B . -2.62 -9.56 -17.77
N3 ADP B . -3.62 -9.59 -16.85
C4 ADP B . -3.50 -8.83 -15.74
C1 COI C . -4.50 -0.34 11.04
C1 COI C . -4.32 -0.17 11.12
O1 COI C . -5.65 -0.77 10.80
O1 COI C . -5.46 0.30 10.92
O2 COI C . -3.48 -0.91 10.55
O2 COI C . -3.91 -1.17 10.46
C2 COI C . -4.28 0.81 11.93
C2 COI C . -3.46 0.42 12.15
O3 COI C . -5.06 1.73 11.93
O3 COI C . -2.41 -0.09 12.42
C3 COI C . -3.05 0.79 12.82
C3 COI C . -3.93 1.67 12.86
C4 COI C . -3.14 1.26 14.27
C4 COI C . -3.63 1.76 14.35
C5 COI C . -2.59 2.57 14.53
C5 COI C . -2.38 2.43 14.64
C6 COI C . -4.46 1.00 14.90
C6 COI C . -3.80 0.47 15.05
MG MG D . -2.39 -9.19 -8.23
K K E . -9.03 -7.11 -8.79
#